data_5NRQ
#
_entry.id   5NRQ
#
_cell.length_a   73.850
_cell.length_b   73.850
_cell.length_c   72.350
_cell.angle_alpha   90.00
_cell.angle_beta   90.00
_cell.angle_gamma   120.00
#
_symmetry.space_group_name_H-M   'P 32'
#
loop_
_entity.id
_entity.type
_entity.pdbx_description
1 polymer 'Thymidylate kinase'
2 non-polymer 1-[1-[[5-(3-chloranylphenoxy)pyridin-3-yl]methyl]piperidin-4-yl]-5-methyl-pyrimidine-2,4-dione
3 non-polymer 'CHLORIDE ION'
4 water water
#
_entity_poly.entity_id   1
_entity_poly.type   'polypeptide(L)'
_entity_poly.pdbx_seq_one_letter_code
;MLIAIEGVDGAGKRTLVEKLSGAFRAAGRSVATLAFPRYGQSVAADIAAEALHGEHGDLASSVYAMATLFALDRAGAVHT
IQGLCRGYDVVILDRYVASNAAYSAARLHENAAGKAAAWVQRIEFARLGLPKPDWQVLLAVSAELAGERSRGRAQRDPGR
ARDNYERDAELQQRTGAVYAELAAQGWGGRWLVVGADVDPGRLAATLAPPDVPS
;
_entity_poly.pdbx_strand_id   A,B
#
loop_
_chem_comp.id
_chem_comp.type
_chem_comp.name
_chem_comp.formula
CL non-polymer 'CHLORIDE ION' 'Cl -1'
ZUI non-polymer 1-[1-[[5-(3-chloranylphenoxy)pyridin-3-yl]methyl]piperidin-4-yl]-5-methyl-pyrimidine-2,4-dione 'C22 H23 Cl N4 O3'
#
# COMPACT_ATOMS: atom_id res chain seq x y z
N MET A 1 -8.98 10.97 24.72
CA MET A 1 -9.31 11.96 23.71
C MET A 1 -8.27 12.03 22.61
N LEU A 2 -8.72 11.99 21.36
CA LEU A 2 -7.82 11.95 20.20
C LEU A 2 -7.92 13.28 19.44
N ILE A 3 -6.78 13.97 19.28
CA ILE A 3 -6.73 15.26 18.63
C ILE A 3 -5.76 15.17 17.46
N ALA A 4 -6.17 15.65 16.29
CA ALA A 4 -5.29 15.68 15.11
C ALA A 4 -4.97 17.13 14.79
N ILE A 5 -3.68 17.42 14.62
CA ILE A 5 -3.19 18.72 14.17
C ILE A 5 -2.94 18.62 12.67
N GLU A 6 -3.48 19.57 11.90
CA GLU A 6 -3.48 19.52 10.44
C GLU A 6 -2.99 20.84 9.87
N GLY A 7 -2.54 20.81 8.62
CA GLY A 7 -2.06 22.00 7.95
C GLY A 7 -1.05 21.65 6.87
N VAL A 8 -0.76 22.63 6.03
CA VAL A 8 0.22 22.43 4.99
C VAL A 8 1.62 22.43 5.60
N ASP A 9 2.55 21.78 4.91
CA ASP A 9 3.95 21.77 5.33
C ASP A 9 4.45 23.19 5.52
N GLY A 10 5.20 23.40 6.59
CA GLY A 10 5.70 24.71 6.94
C GLY A 10 4.72 25.56 7.69
N ALA A 11 3.51 25.06 7.93
CA ALA A 11 2.56 25.84 8.72
C ALA A 11 3.03 25.98 10.16
N GLY A 12 3.81 25.02 10.68
CA GLY A 12 4.25 25.12 12.07
C GLY A 12 3.61 24.10 13.00
N LYS A 13 3.17 22.96 12.45
CA LYS A 13 2.46 21.96 13.24
C LYS A 13 3.27 21.47 14.42
N ARG A 14 4.54 21.14 14.21
CA ARG A 14 5.33 20.58 15.29
C ARG A 14 5.37 21.52 16.50
N THR A 15 5.57 22.81 16.25
CA THR A 15 5.59 23.76 17.36
C THR A 15 4.25 23.82 18.08
N LEU A 16 3.14 23.80 17.33
CA LEU A 16 1.82 23.79 17.97
C LEU A 16 1.61 22.52 18.80
N VAL A 17 2.03 21.36 18.28
CA VAL A 17 1.94 20.11 19.05
C VAL A 17 2.62 20.28 20.40
N GLU A 18 3.83 20.85 20.39
CA GLU A 18 4.60 21.02 21.61
C GLU A 18 3.91 22.00 22.57
N LYS A 19 3.46 23.14 22.05
CA LYS A 19 2.79 24.11 22.90
C LYS A 19 1.56 23.51 23.55
N LEU A 20 0.77 22.77 22.76
CA LEU A 20 -0.44 22.17 23.30
C LEU A 20 -0.10 21.07 24.32
N SER A 21 0.89 20.23 24.01
CA SER A 21 1.28 19.21 24.97
C SER A 21 1.64 19.85 26.31
N GLY A 22 2.46 20.91 26.28
CA GLY A 22 2.76 21.62 27.51
C GLY A 22 1.52 22.18 28.21
N ALA A 23 0.62 22.80 27.44
CA ALA A 23 -0.58 23.35 28.05
C ALA A 23 -1.40 22.27 28.73
N PHE A 24 -1.58 21.12 28.05
CA PHE A 24 -2.33 20.00 28.63
C PHE A 24 -1.69 19.53 29.93
N ARG A 25 -0.39 19.26 29.90
CA ARG A 25 0.29 18.78 31.10
C ARG A 25 0.21 19.81 32.23
N ALA A 26 0.28 21.10 31.90
CA ALA A 26 0.14 22.08 32.98
C ALA A 26 -1.25 22.01 33.62
N ALA A 27 -2.24 21.48 32.90
CA ALA A 27 -3.59 21.36 33.45
C ALA A 27 -3.84 20.01 34.12
N GLY A 28 -2.82 19.18 34.27
CA GLY A 28 -2.98 17.90 34.92
C GLY A 28 -3.23 16.73 33.98
N ARG A 29 -3.20 16.96 32.67
CA ARG A 29 -3.43 15.89 31.68
C ARG A 29 -2.13 15.27 31.22
N SER A 30 -2.14 13.95 31.10
CA SER A 30 -1.05 13.24 30.45
C SER A 30 -1.24 13.27 28.93
N VAL A 31 -0.13 13.26 28.18
CA VAL A 31 -0.15 13.48 26.74
C VAL A 31 0.85 12.54 26.08
N ALA A 32 0.42 11.91 24.99
CA ALA A 32 1.32 11.20 24.08
C ALA A 32 1.09 11.72 22.67
N THR A 33 2.13 11.65 21.84
CA THR A 33 2.03 12.17 20.49
C THR A 33 2.57 11.16 19.49
N LEU A 34 2.15 11.35 18.25
CA LEU A 34 2.47 10.42 17.18
C LEU A 34 2.35 11.21 15.88
N ALA A 35 3.33 11.07 14.98
CA ALA A 35 3.37 11.85 13.75
C ALA A 35 3.16 10.93 12.54
N PHE A 36 2.30 11.35 11.60
CA PHE A 36 2.18 10.69 10.30
C PHE A 36 2.66 11.60 9.19
N PRO A 37 3.18 11.02 8.11
CA PRO A 37 3.39 9.58 7.89
C PRO A 37 4.50 9.06 8.77
N ARG A 38 4.51 7.77 9.08
CA ARG A 38 5.52 7.21 9.97
C ARG A 38 6.77 6.87 9.17
N TYR A 39 7.34 7.90 8.54
CA TYR A 39 8.60 7.71 7.82
C TYR A 39 9.60 7.04 8.74
N GLY A 40 10.28 6.01 8.23
CA GLY A 40 11.24 5.23 8.98
C GLY A 40 10.69 4.00 9.69
N GLN A 41 9.38 3.87 9.87
CA GLN A 41 8.79 2.69 10.49
C GLN A 41 7.89 1.92 9.55
N SER A 42 7.14 2.62 8.72
CA SER A 42 6.10 2.02 7.91
C SER A 42 6.68 1.82 6.51
N VAL A 43 6.65 0.59 6.02
CA VAL A 43 7.12 0.33 4.67
C VAL A 43 6.33 1.15 3.67
N ALA A 44 5.00 1.22 3.87
CA ALA A 44 4.19 2.00 2.95
C ALA A 44 4.56 3.48 2.99
N ALA A 45 4.87 4.01 4.19
CA ALA A 45 5.30 5.41 4.28
C ALA A 45 6.61 5.63 3.54
N ASP A 46 7.58 4.72 3.73
CA ASP A 46 8.86 4.90 3.06
C ASP A 46 8.76 4.71 1.55
N ILE A 47 7.90 3.81 1.08
CA ILE A 47 7.71 3.76 -0.37
C ILE A 47 7.12 5.09 -0.86
N ALA A 48 6.16 5.64 -0.12
CA ALA A 48 5.58 6.91 -0.53
C ALA A 48 6.67 7.99 -0.62
N ALA A 49 7.51 8.10 0.42
CA ALA A 49 8.57 9.11 0.41
C ALA A 49 9.50 8.93 -0.79
N GLU A 50 9.94 7.70 -1.05
CA GLU A 50 10.80 7.46 -2.19
C GLU A 50 10.11 7.87 -3.48
N ALA A 51 8.81 7.59 -3.60
CA ALA A 51 8.08 7.98 -4.79
C ALA A 51 8.10 9.49 -4.97
N LEU A 52 7.97 10.24 -3.87
CA LEU A 52 8.04 11.70 -3.94
C LEU A 52 9.38 12.21 -4.43
N HIS A 53 10.45 11.40 -4.31
CA HIS A 53 11.76 11.78 -4.79
C HIS A 53 12.12 11.15 -6.12
N GLY A 54 11.13 10.73 -6.90
CA GLY A 54 11.36 10.24 -8.24
C GLY A 54 11.61 8.75 -8.39
N GLU A 55 11.51 7.98 -7.32
CA GLU A 55 11.71 6.54 -7.42
C GLU A 55 10.38 5.83 -7.70
N HIS A 56 10.47 4.55 -8.03
CA HIS A 56 9.29 3.71 -8.24
C HIS A 56 8.47 4.18 -9.45
N GLY A 57 9.18 4.44 -10.56
CA GLY A 57 8.53 4.72 -11.84
C GLY A 57 7.40 5.73 -11.74
N ASP A 58 6.23 5.36 -12.27
CA ASP A 58 5.07 6.23 -12.30
C ASP A 58 4.24 6.22 -11.01
N LEU A 59 4.76 5.65 -9.92
CA LEU A 59 3.94 5.49 -8.71
C LEU A 59 3.42 6.84 -8.19
N ALA A 60 4.30 7.83 -8.09
CA ALA A 60 3.87 9.09 -7.46
C ALA A 60 2.85 9.85 -8.29
N SER A 61 2.71 9.53 -9.58
CA SER A 61 1.79 10.29 -10.41
C SER A 61 0.33 9.90 -10.21
N SER A 62 0.06 8.76 -9.58
CA SER A 62 -1.30 8.36 -9.27
C SER A 62 -1.68 8.99 -7.93
N VAL A 63 -2.72 9.83 -7.94
CA VAL A 63 -3.17 10.46 -6.71
C VAL A 63 -3.68 9.39 -5.74
N TYR A 64 -4.52 8.48 -6.23
CA TYR A 64 -5.11 7.48 -5.35
C TYR A 64 -4.09 6.45 -4.86
N ALA A 65 -3.08 6.16 -5.67
CA ALA A 65 -2.02 5.24 -5.23
C ALA A 65 -1.29 5.81 -4.01
N MET A 66 -0.86 7.08 -4.10
CA MET A 66 -0.17 7.69 -2.96
C MET A 66 -1.07 7.79 -1.74
N ALA A 67 -2.34 8.17 -1.93
CA ALA A 67 -3.27 8.18 -0.81
C ALA A 67 -3.39 6.81 -0.19
N THR A 68 -3.44 5.77 -1.00
CA THR A 68 -3.56 4.43 -0.43
C THR A 68 -2.35 4.09 0.42
N LEU A 69 -1.15 4.44 -0.03
CA LEU A 69 0.02 4.15 0.79
C LEU A 69 -0.06 4.83 2.14
N PHE A 70 -0.50 6.08 2.18
CA PHE A 70 -0.58 6.76 3.48
C PHE A 70 -1.67 6.16 4.36
N ALA A 71 -2.75 5.67 3.76
CA ALA A 71 -3.79 5.02 4.54
C ALA A 71 -3.31 3.70 5.11
N LEU A 72 -2.58 2.92 4.30
CA LEU A 72 -2.01 1.67 4.80
C LEU A 72 -1.03 1.94 5.92
N ASP A 73 -0.34 3.09 5.87
CA ASP A 73 0.55 3.46 6.96
C ASP A 73 -0.24 3.61 8.27
N ARG A 74 -1.30 4.41 8.26
CA ARG A 74 -2.12 4.55 9.45
C ARG A 74 -2.75 3.22 9.89
N ALA A 75 -3.25 2.41 8.94
CA ALA A 75 -3.86 1.14 9.33
C ALA A 75 -2.87 0.27 10.11
N GLY A 76 -1.59 0.33 9.76
CA GLY A 76 -0.59 -0.39 10.52
C GLY A 76 -0.41 0.13 11.93
N ALA A 77 -0.90 1.32 12.21
CA ALA A 77 -0.66 1.97 13.50
C ALA A 77 -1.89 1.96 14.39
N VAL A 78 -2.94 1.27 13.98
CA VAL A 78 -4.21 1.40 14.70
C VAL A 78 -4.09 0.86 16.12
N HIS A 79 -3.31 -0.21 16.31
CA HIS A 79 -3.16 -0.76 17.67
C HIS A 79 -2.38 0.18 18.58
N THR A 80 -1.29 0.76 18.05
CA THR A 80 -0.57 1.80 18.76
C THR A 80 -1.49 2.95 19.16
N ILE A 81 -2.29 3.45 18.20
CA ILE A 81 -3.18 4.57 18.52
C ILE A 81 -4.13 4.18 19.67
N GLN A 82 -4.74 2.99 19.58
CA GLN A 82 -5.66 2.60 20.64
C GLN A 82 -4.94 2.47 21.97
N GLY A 83 -3.73 1.90 21.97
CA GLY A 83 -2.98 1.79 23.21
C GLY A 83 -2.70 3.14 23.84
N LEU A 84 -2.29 4.10 23.02
CA LEU A 84 -2.05 5.44 23.55
C LEU A 84 -3.32 6.04 24.12
N CYS A 85 -4.44 5.87 23.43
CA CYS A 85 -5.70 6.46 23.91
C CYS A 85 -6.13 5.84 25.23
N ARG A 86 -5.92 4.53 25.42
CA ARG A 86 -6.24 3.94 26.72
C ARG A 86 -5.27 4.41 27.79
N GLY A 87 -4.01 4.61 27.44
CA GLY A 87 -3.00 4.90 28.44
C GLY A 87 -2.85 6.37 28.79
N TYR A 88 -3.29 7.28 27.92
CA TYR A 88 -3.08 8.70 28.12
C TYR A 88 -4.38 9.49 28.09
N ASP A 89 -4.40 10.61 28.80
CA ASP A 89 -5.57 11.46 28.79
C ASP A 89 -5.80 12.06 27.41
N VAL A 90 -4.71 12.45 26.73
CA VAL A 90 -4.79 13.12 25.42
C VAL A 90 -3.75 12.51 24.51
N VAL A 91 -4.16 12.15 23.30
CA VAL A 91 -3.25 11.72 22.23
C VAL A 91 -3.35 12.75 21.12
N ILE A 92 -2.21 13.35 20.76
CA ILE A 92 -2.15 14.38 19.71
C ILE A 92 -1.38 13.83 18.53
N LEU A 93 -2.00 13.85 17.35
CA LEU A 93 -1.38 13.34 16.13
C LEU A 93 -0.94 14.52 15.28
N ASP A 94 0.32 14.50 14.83
CA ASP A 94 0.83 15.49 13.88
C ASP A 94 0.53 14.91 12.49
N ARG A 95 -0.56 15.37 11.88
CA ARG A 95 -1.17 14.81 10.68
C ARG A 95 -1.97 13.55 10.96
N TYR A 96 -3.16 13.44 10.38
CA TYR A 96 -3.97 12.24 10.47
C TYR A 96 -4.77 12.11 9.16
N VAL A 97 -5.97 11.55 9.20
CA VAL A 97 -6.65 11.19 7.97
C VAL A 97 -6.92 12.43 7.10
N ALA A 98 -7.22 13.57 7.72
CA ALA A 98 -7.55 14.77 6.95
C ALA A 98 -6.41 15.21 6.03
N SER A 99 -5.15 14.97 6.42
CA SER A 99 -4.04 15.27 5.53
C SER A 99 -4.24 14.57 4.17
N ASN A 100 -4.68 13.30 4.19
CA ASN A 100 -4.90 12.58 2.95
C ASN A 100 -6.02 13.21 2.13
N ALA A 101 -7.10 13.64 2.78
CA ALA A 101 -8.18 14.24 2.01
C ALA A 101 -7.72 15.53 1.37
N ALA A 102 -6.97 16.35 2.10
CA ALA A 102 -6.61 17.67 1.64
C ALA A 102 -5.66 17.59 0.46
N TYR A 103 -4.56 16.83 0.60
CA TYR A 103 -3.59 16.75 -0.49
C TYR A 103 -4.16 16.01 -1.70
N SER A 104 -4.98 14.97 -1.48
CA SER A 104 -5.52 14.22 -2.62
C SER A 104 -6.47 15.07 -3.44
N ALA A 105 -7.42 15.72 -2.76
CA ALA A 105 -8.33 16.61 -3.46
C ALA A 105 -7.56 17.71 -4.17
N ALA A 106 -6.58 18.30 -3.49
CA ALA A 106 -5.82 19.38 -4.10
C ALA A 106 -5.13 18.91 -5.37
N ARG A 107 -4.49 17.75 -5.32
CA ARG A 107 -3.82 17.23 -6.51
C ARG A 107 -4.79 17.02 -7.65
N LEU A 108 -6.05 16.70 -7.33
CA LEU A 108 -7.08 16.49 -8.32
C LEU A 108 -7.84 17.77 -8.64
N HIS A 109 -7.42 18.91 -8.12
CA HIS A 109 -8.14 20.16 -8.34
C HIS A 109 -9.61 20.04 -7.93
N GLU A 110 -9.87 19.26 -6.88
CA GLU A 110 -11.20 19.11 -6.33
C GLU A 110 -11.34 19.93 -5.06
N ASN A 111 -12.56 20.01 -4.56
CA ASN A 111 -12.81 20.62 -3.27
C ASN A 111 -13.24 19.56 -2.27
N ALA A 112 -13.51 20.02 -1.05
CA ALA A 112 -13.74 19.12 0.07
C ALA A 112 -15.01 18.30 -0.08
N ALA A 113 -15.94 18.74 -0.91
CA ALA A 113 -17.16 18.00 -1.15
C ALA A 113 -17.05 17.09 -2.36
N GLY A 114 -15.85 16.94 -2.91
CA GLY A 114 -15.64 16.14 -4.10
C GLY A 114 -15.40 14.67 -3.80
N LYS A 115 -15.00 13.95 -4.85
CA LYS A 115 -14.87 12.50 -4.77
C LYS A 115 -13.70 12.08 -3.90
N ALA A 116 -12.53 12.66 -4.14
CA ALA A 116 -11.34 12.27 -3.39
C ALA A 116 -11.59 12.33 -1.88
N ALA A 117 -12.18 13.44 -1.41
CA ALA A 117 -12.40 13.58 0.04
C ALA A 117 -13.35 12.51 0.56
N ALA A 118 -14.43 12.24 -0.19
CA ALA A 118 -15.37 11.20 0.22
C ALA A 118 -14.76 9.81 0.14
N TRP A 119 -13.91 9.57 -0.86
CA TRP A 119 -13.22 8.30 -0.93
C TRP A 119 -12.34 8.09 0.31
N VAL A 120 -11.56 9.10 0.68
CA VAL A 120 -10.72 8.96 1.87
C VAL A 120 -11.58 8.64 3.09
N GLN A 121 -12.67 9.39 3.29
CA GLN A 121 -13.49 9.13 4.46
C GLN A 121 -14.00 7.70 4.47
N ARG A 122 -14.42 7.20 3.32
CA ARG A 122 -14.97 5.85 3.26
C ARG A 122 -13.89 4.82 3.56
N ILE A 123 -12.74 4.92 2.90
CA ILE A 123 -11.72 3.88 2.99
C ILE A 123 -11.00 3.93 4.34
N GLU A 124 -10.75 5.11 4.88
CA GLU A 124 -9.96 5.10 6.10
C GLU A 124 -10.82 4.89 7.34
N PHE A 125 -11.96 5.58 7.43
CA PHE A 125 -12.80 5.49 8.60
C PHE A 125 -13.74 4.28 8.55
N ALA A 126 -14.45 4.10 7.44
CA ALA A 126 -15.45 3.03 7.39
C ALA A 126 -14.80 1.68 7.18
N ARG A 127 -13.94 1.58 6.17
CA ARG A 127 -13.37 0.29 5.80
C ARG A 127 -12.21 -0.13 6.71
N LEU A 128 -11.16 0.70 6.78
CA LEU A 128 -9.98 0.34 7.58
C LEU A 128 -10.22 0.44 9.07
N GLY A 129 -11.30 1.08 9.50
CA GLY A 129 -11.67 1.15 10.91
C GLY A 129 -10.83 2.09 11.74
N LEU A 130 -10.16 3.07 11.12
CA LEU A 130 -9.33 3.97 11.89
C LEU A 130 -10.20 4.81 12.83
N PRO A 131 -9.74 5.06 14.05
CA PRO A 131 -10.58 5.82 14.99
C PRO A 131 -10.73 7.27 14.56
N LYS A 132 -11.95 7.77 14.69
CA LYS A 132 -12.22 9.15 14.32
C LYS A 132 -11.65 10.10 15.36
N PRO A 133 -10.97 11.17 14.94
CA PRO A 133 -10.46 12.14 15.93
C PRO A 133 -11.62 12.83 16.62
N ASP A 134 -11.45 13.10 17.91
CA ASP A 134 -12.42 13.92 18.63
C ASP A 134 -12.33 15.36 18.15
N TRP A 135 -11.11 15.84 17.84
CA TRP A 135 -10.86 17.18 17.35
C TRP A 135 -9.89 17.11 16.20
N GLN A 136 -10.10 17.98 15.21
CA GLN A 136 -9.10 18.26 14.18
C GLN A 136 -8.79 19.75 14.22
N VAL A 137 -7.54 20.09 14.51
CA VAL A 137 -7.14 21.47 14.68
C VAL A 137 -6.35 21.88 13.45
N LEU A 138 -6.91 22.80 12.66
CA LEU A 138 -6.25 23.36 11.48
C LEU A 138 -5.40 24.57 11.87
N LEU A 139 -4.10 24.48 11.64
CA LEU A 139 -3.20 25.63 11.76
C LEU A 139 -3.19 26.31 10.39
N ALA A 140 -4.00 27.34 10.23
CA ALA A 140 -4.26 27.93 8.92
C ALA A 140 -3.24 29.00 8.60
N VAL A 141 -2.80 29.03 7.34
CA VAL A 141 -1.75 29.94 6.86
C VAL A 141 -2.23 30.63 5.59
N SER A 142 -1.54 31.70 5.19
CA SER A 142 -1.92 32.39 3.97
C SER A 142 -1.49 31.64 2.71
N ALA A 143 -2.08 32.03 1.57
CA ALA A 143 -1.63 31.50 0.28
C ALA A 143 -0.15 31.76 0.07
N GLU A 144 0.33 32.93 0.48
CA GLU A 144 1.74 33.26 0.31
C GLU A 144 2.64 32.32 1.12
N LEU A 145 2.28 32.08 2.38
CA LEU A 145 3.08 31.13 3.16
C LEU A 145 2.99 29.72 2.59
N ALA A 146 1.78 29.28 2.21
CA ALA A 146 1.59 27.92 1.71
C ALA A 146 2.45 27.66 0.46
N GLY A 147 2.43 28.59 -0.50
CA GLY A 147 3.23 28.42 -1.70
C GLY A 147 4.73 28.42 -1.44
N GLU A 148 5.19 29.10 -0.40
CA GLU A 148 6.62 29.19 -0.14
C GLU A 148 7.20 27.85 0.26
N ASP A 168 5.53 21.53 -4.97
CA ASP A 168 4.90 22.43 -5.92
C ASP A 168 4.15 23.52 -5.15
N ALA A 169 4.40 24.78 -5.52
CA ALA A 169 3.81 25.88 -4.77
C ALA A 169 2.30 25.93 -4.92
N GLU A 170 1.81 25.71 -6.15
CA GLU A 170 0.38 25.76 -6.38
C GLU A 170 -0.33 24.63 -5.64
N LEU A 171 0.23 23.41 -5.68
CA LEU A 171 -0.37 22.30 -4.96
C LEU A 171 -0.56 22.64 -3.50
N GLN A 172 0.48 23.19 -2.86
CA GLN A 172 0.35 23.55 -1.46
C GLN A 172 -0.74 24.59 -1.25
N GLN A 173 -0.82 25.57 -2.14
CA GLN A 173 -1.84 26.60 -1.97
C GLN A 173 -3.23 26.00 -2.05
N ARG A 174 -3.46 25.12 -3.05
CA ARG A 174 -4.77 24.47 -3.16
C ARG A 174 -5.05 23.58 -1.96
N THR A 175 -4.02 22.96 -1.38
CA THR A 175 -4.23 22.12 -0.19
C THR A 175 -4.73 22.95 0.99
N GLY A 176 -4.14 24.14 1.20
CA GLY A 176 -4.59 24.98 2.30
C GLY A 176 -6.04 25.42 2.14
N ALA A 177 -6.47 25.64 0.88
CA ALA A 177 -7.87 25.98 0.65
C ALA A 177 -8.79 24.81 0.94
N VAL A 178 -8.42 23.59 0.51
CA VAL A 178 -9.25 22.43 0.81
C VAL A 178 -9.34 22.22 2.32
N TYR A 179 -8.21 22.33 3.01
CA TYR A 179 -8.22 22.21 4.46
C TYR A 179 -9.30 23.08 5.07
N ALA A 180 -9.34 24.35 4.66
CA ALA A 180 -10.33 25.26 5.24
C ALA A 180 -11.75 24.82 4.88
N GLU A 181 -11.95 24.31 3.67
CA GLU A 181 -13.26 23.78 3.31
C GLU A 181 -13.62 22.57 4.16
N LEU A 182 -12.66 21.67 4.39
CA LEU A 182 -12.91 20.52 5.23
C LEU A 182 -13.33 20.96 6.63
N ALA A 183 -12.65 21.97 7.18
CA ALA A 183 -13.01 22.45 8.50
C ALA A 183 -14.40 23.06 8.49
N ALA A 184 -14.73 23.79 7.43
CA ALA A 184 -16.04 24.43 7.39
C ALA A 184 -17.15 23.40 7.32
N GLN A 185 -16.90 22.25 6.70
CA GLN A 185 -17.92 21.22 6.55
C GLN A 185 -17.92 20.24 7.70
N GLY A 186 -17.04 20.41 8.68
CA GLY A 186 -16.98 19.45 9.77
C GLY A 186 -16.61 18.07 9.28
N TRP A 187 -15.73 18.00 8.29
CA TRP A 187 -15.34 16.73 7.72
C TRP A 187 -14.75 15.81 8.79
N GLY A 188 -15.38 14.66 9.00
CA GLY A 188 -14.85 13.68 9.94
C GLY A 188 -14.98 14.02 11.41
N GLY A 189 -15.58 15.14 11.78
CA GLY A 189 -15.73 15.52 13.17
C GLY A 189 -15.60 17.01 13.35
N ARG A 190 -15.52 17.44 14.62
CA ARG A 190 -15.37 18.85 14.94
C ARG A 190 -13.98 19.36 14.54
N TRP A 191 -13.93 20.59 14.07
CA TRP A 191 -12.67 21.26 13.77
C TRP A 191 -12.54 22.53 14.58
N LEU A 192 -11.29 22.92 14.81
CA LEU A 192 -10.93 24.26 15.23
C LEU A 192 -9.96 24.81 14.20
N VAL A 193 -10.06 26.09 13.92
CA VAL A 193 -9.15 26.80 13.01
C VAL A 193 -8.36 27.80 13.84
N VAL A 194 -7.03 27.64 13.91
CA VAL A 194 -6.18 28.53 14.70
C VAL A 194 -5.06 29.09 13.86
N GLY A 195 -4.49 30.21 14.31
CA GLY A 195 -3.28 30.76 13.75
C GLY A 195 -2.04 30.39 14.56
N ALA A 196 -0.88 30.78 14.04
CA ALA A 196 0.40 30.29 14.57
C ALA A 196 0.57 30.59 16.06
N ASP A 197 0.30 31.82 16.46
CA ASP A 197 0.56 32.32 17.81
C ASP A 197 -0.63 32.10 18.73
N VAL A 198 -1.14 30.88 18.76
CA VAL A 198 -2.35 30.57 19.52
C VAL A 198 -2.09 30.65 21.02
N ASP A 199 -3.12 31.02 21.77
CA ASP A 199 -2.98 31.03 23.23
C ASP A 199 -3.07 29.58 23.70
N PRO A 200 -1.97 28.99 24.15
CA PRO A 200 -1.96 27.53 24.40
C PRO A 200 -2.82 27.08 25.57
N GLY A 201 -2.83 27.84 26.67
CA GLY A 201 -3.69 27.45 27.80
C GLY A 201 -5.16 27.57 27.46
N ARG A 202 -5.52 28.59 26.67
CA ARG A 202 -6.91 28.73 26.22
C ARG A 202 -7.30 27.60 25.28
N LEU A 203 -6.40 27.19 24.38
CA LEU A 203 -6.71 26.13 23.44
C LEU A 203 -6.88 24.79 24.17
N ALA A 204 -6.01 24.50 25.14
CA ALA A 204 -6.16 23.28 25.95
C ALA A 204 -7.49 23.23 26.67
N ALA A 205 -7.90 24.36 27.26
CA ALA A 205 -9.19 24.40 27.94
C ALA A 205 -10.33 24.18 26.94
N THR A 206 -10.19 24.68 25.71
CA THR A 206 -11.23 24.48 24.71
C THR A 206 -11.27 23.03 24.25
N LEU A 207 -10.12 22.43 23.99
CA LEU A 207 -10.11 21.07 23.47
C LEU A 207 -10.56 20.08 24.53
N ALA A 208 -10.01 20.17 25.74
CA ALA A 208 -10.35 19.24 26.81
C ALA A 208 -11.04 20.02 27.91
N PRO A 209 -12.36 20.23 27.81
CA PRO A 209 -13.15 20.95 28.82
C PRO A 209 -13.54 20.06 30.01
N MET B 1 10.40 -27.08 -0.17
CA MET B 1 10.61 -26.58 -1.51
C MET B 1 9.49 -25.63 -1.93
N LEU B 2 9.87 -24.50 -2.48
CA LEU B 2 8.92 -23.46 -2.88
C LEU B 2 8.86 -23.42 -4.40
N ILE B 3 7.67 -23.67 -4.93
CA ILE B 3 7.41 -23.68 -6.36
C ILE B 3 6.34 -22.66 -6.67
N ALA B 4 6.57 -21.85 -7.69
CA ALA B 4 5.60 -20.87 -8.17
C ALA B 4 5.14 -21.27 -9.56
N ILE B 5 3.83 -21.31 -9.76
CA ILE B 5 3.25 -21.56 -11.07
C ILE B 5 2.87 -20.21 -11.67
N GLU B 6 3.28 -19.97 -12.93
CA GLU B 6 3.12 -18.67 -13.58
C GLU B 6 2.49 -18.84 -14.96
N GLY B 7 1.93 -17.75 -15.47
CA GLY B 7 1.33 -17.79 -16.80
C GLY B 7 0.28 -16.71 -16.93
N VAL B 8 -0.11 -16.47 -18.18
CA VAL B 8 -1.14 -15.46 -18.44
C VAL B 8 -2.50 -15.94 -17.94
N ASP B 9 -3.36 -14.99 -17.62
CA ASP B 9 -4.69 -15.31 -17.12
C ASP B 9 -5.40 -16.27 -18.07
N GLY B 10 -6.05 -17.27 -17.51
CA GLY B 10 -6.73 -18.26 -18.33
C GLY B 10 -5.83 -19.33 -18.88
N ALA B 11 -4.54 -19.31 -18.56
CA ALA B 11 -3.63 -20.33 -19.06
C ALA B 11 -3.98 -21.72 -18.53
N GLY B 12 -4.59 -21.80 -17.37
CA GLY B 12 -4.91 -23.06 -16.75
C GLY B 12 -4.05 -23.37 -15.58
N LYS B 13 -3.47 -22.35 -14.95
CA LYS B 13 -2.59 -22.55 -13.80
C LYS B 13 -3.33 -23.28 -12.69
N ARG B 14 -4.56 -22.85 -12.41
CA ARG B 14 -5.29 -23.39 -11.28
C ARG B 14 -5.44 -24.90 -11.44
N THR B 15 -5.76 -25.34 -12.64
CA THR B 15 -5.85 -26.77 -12.87
C THR B 15 -4.50 -27.44 -12.66
N LEU B 16 -3.44 -26.81 -13.16
CA LEU B 16 -2.10 -27.38 -12.98
C LEU B 16 -1.70 -27.42 -11.52
N VAL B 17 -1.99 -26.35 -10.76
CA VAL B 17 -1.69 -26.41 -9.33
C VAL B 17 -2.34 -27.63 -8.70
N GLU B 18 -3.62 -27.88 -9.04
CA GLU B 18 -4.34 -29.00 -8.44
C GLU B 18 -3.69 -30.33 -8.79
N LYS B 19 -3.44 -30.56 -10.08
CA LYS B 19 -2.85 -31.83 -10.51
C LYS B 19 -1.48 -32.03 -9.89
N LEU B 20 -0.67 -30.96 -9.85
CA LEU B 20 0.67 -31.07 -9.30
C LEU B 20 0.62 -31.41 -7.82
N SER B 21 -0.31 -30.79 -7.09
CA SER B 21 -0.47 -31.13 -5.68
C SER B 21 -0.75 -32.61 -5.50
N GLY B 22 -1.69 -33.15 -6.28
CA GLY B 22 -1.99 -34.56 -6.19
C GLY B 22 -0.79 -35.43 -6.50
N ALA B 23 -0.04 -35.10 -7.54
CA ALA B 23 1.12 -35.90 -7.87
C ALA B 23 2.11 -35.92 -6.71
N PHE B 24 2.38 -34.76 -6.10
CA PHE B 24 3.26 -34.71 -4.94
C PHE B 24 2.72 -35.56 -3.80
N ARG B 25 1.46 -35.33 -3.42
CA ARG B 25 0.88 -36.07 -2.31
C ARG B 25 0.85 -37.57 -2.60
N ALA B 26 0.56 -37.94 -3.85
CA ALA B 26 0.63 -39.35 -4.22
C ALA B 26 2.05 -39.87 -4.12
N ALA B 27 3.04 -38.99 -4.17
CA ALA B 27 4.43 -39.41 -4.07
C ALA B 27 4.95 -39.40 -2.63
N GLY B 28 4.10 -39.11 -1.65
CA GLY B 28 4.50 -39.12 -0.26
C GLY B 28 4.88 -37.77 0.31
N ARG B 29 4.81 -36.70 -0.46
CA ARG B 29 5.12 -35.35 0.01
C ARG B 29 3.85 -34.64 0.47
N SER B 30 3.95 -33.92 1.59
CA SER B 30 2.88 -33.02 2.01
C SER B 30 2.97 -31.71 1.24
N VAL B 31 1.81 -31.10 1.00
CA VAL B 31 1.73 -29.96 0.08
C VAL B 31 0.78 -28.92 0.65
N ALA B 32 1.18 -27.66 0.53
CA ALA B 32 0.29 -26.53 0.76
C ALA B 32 0.38 -25.60 -0.45
N THR B 33 -0.71 -24.89 -0.71
CA THR B 33 -0.79 -23.96 -1.81
C THR B 33 -1.34 -22.64 -1.32
N LEU B 34 -1.05 -21.60 -2.10
CA LEU B 34 -1.42 -20.23 -1.75
C LEU B 34 -1.45 -19.46 -3.05
N ALA B 35 -2.49 -18.67 -3.26
CA ALA B 35 -2.68 -17.98 -4.52
C ALA B 35 -2.50 -16.48 -4.33
N PHE B 36 -1.76 -15.86 -5.25
CA PHE B 36 -1.70 -14.40 -5.29
C PHE B 36 -2.35 -13.88 -6.55
N PRO B 37 -2.98 -12.70 -6.47
CA PRO B 37 -3.16 -11.86 -5.27
C PRO B 37 -4.12 -12.49 -4.27
N ARG B 38 -3.98 -12.15 -3.00
CA ARG B 38 -4.79 -12.75 -1.95
C ARG B 38 -6.13 -12.02 -1.82
N TYR B 39 -6.87 -12.03 -2.92
CA TYR B 39 -8.20 -11.41 -2.95
C TYR B 39 -9.06 -11.94 -1.81
N GLY B 40 -9.71 -11.03 -1.09
CA GLY B 40 -10.56 -11.40 0.01
C GLY B 40 -9.85 -11.51 1.34
N GLN B 41 -8.52 -11.54 1.34
CA GLN B 41 -7.71 -11.64 2.54
C GLN B 41 -6.83 -10.44 2.78
N SER B 42 -6.36 -9.79 1.72
CA SER B 42 -5.42 -8.68 1.79
C SER B 42 -6.13 -7.37 1.45
N VAL B 43 -5.98 -6.36 2.32
CA VAL B 43 -6.52 -5.05 1.96
C VAL B 43 -5.88 -4.54 0.69
N ALA B 44 -4.56 -4.71 0.56
CA ALA B 44 -3.87 -4.28 -0.65
C ALA B 44 -4.36 -5.05 -1.87
N ALA B 45 -4.65 -6.33 -1.71
CA ALA B 45 -5.14 -7.14 -2.82
C ALA B 45 -6.53 -6.69 -3.26
N ASP B 46 -7.42 -6.47 -2.29
CA ASP B 46 -8.81 -6.15 -2.64
C ASP B 46 -8.91 -4.77 -3.26
N ILE B 47 -8.09 -3.82 -2.82
CA ILE B 47 -8.05 -2.50 -3.46
C ILE B 47 -7.56 -2.63 -4.89
N ALA B 48 -6.57 -3.51 -5.13
CA ALA B 48 -6.07 -3.72 -6.48
C ALA B 48 -7.18 -4.25 -7.40
N ALA B 49 -7.91 -5.27 -6.96
CA ALA B 49 -9.01 -5.80 -7.75
C ALA B 49 -10.08 -4.73 -7.97
N GLU B 50 -10.44 -4.00 -6.91
CA GLU B 50 -11.41 -2.94 -7.08
C GLU B 50 -10.95 -1.93 -8.11
N ALA B 51 -9.66 -1.60 -8.08
CA ALA B 51 -9.11 -0.69 -9.07
C ALA B 51 -9.26 -1.26 -10.47
N LEU B 52 -9.08 -2.58 -10.61
CA LEU B 52 -9.23 -3.23 -11.92
C LEU B 52 -10.66 -3.13 -12.47
N HIS B 53 -11.65 -2.94 -11.60
CA HIS B 53 -13.03 -2.77 -12.01
C HIS B 53 -13.43 -1.30 -12.08
N GLY B 54 -12.45 -0.40 -12.20
CA GLY B 54 -12.71 1.00 -12.39
C GLY B 54 -12.83 1.81 -11.11
N GLU B 55 -12.62 1.19 -9.97
CA GLU B 55 -12.72 1.91 -8.71
C GLU B 55 -11.38 2.53 -8.33
N HIS B 56 -11.43 3.36 -7.30
CA HIS B 56 -10.24 3.98 -6.74
C HIS B 56 -9.58 4.92 -7.76
N GLY B 57 -10.42 5.74 -8.38
CA GLY B 57 -9.94 6.80 -9.26
C GLY B 57 -8.91 6.35 -10.26
N ASP B 58 -7.78 7.05 -10.26
CA ASP B 58 -6.71 6.86 -11.22
C ASP B 58 -5.77 5.74 -10.85
N LEU B 59 -6.07 4.98 -9.79
CA LEU B 59 -5.09 4.04 -9.28
C LEU B 59 -4.68 3.00 -10.33
N ALA B 60 -5.67 2.43 -11.03
CA ALA B 60 -5.37 1.32 -11.94
C ALA B 60 -4.52 1.76 -13.13
N SER B 61 -4.49 3.06 -13.42
CA SER B 61 -3.77 3.53 -14.59
C SER B 61 -2.26 3.60 -14.36
N SER B 62 -1.83 3.61 -13.11
CA SER B 62 -0.41 3.63 -12.80
C SER B 62 0.09 2.19 -12.77
N VAL B 63 1.03 1.87 -13.66
CA VAL B 63 1.58 0.52 -13.69
C VAL B 63 2.31 0.21 -12.39
N TYR B 64 3.15 1.14 -11.93
CA TYR B 64 3.92 0.91 -10.71
C TYR B 64 3.03 0.94 -9.47
N ALA B 65 1.98 1.77 -9.48
CA ALA B 65 1.04 1.75 -8.37
C ALA B 65 0.40 0.38 -8.23
N MET B 66 -0.11 -0.19 -9.33
CA MET B 66 -0.70 -1.53 -9.25
C MET B 66 0.35 -2.55 -8.82
N ALA B 67 1.56 -2.48 -9.40
CA ALA B 67 2.62 -3.41 -9.00
C ALA B 67 2.95 -3.29 -7.51
N THR B 68 2.96 -2.07 -6.97
CA THR B 68 3.26 -1.89 -5.55
C THR B 68 2.21 -2.55 -4.68
N LEU B 69 0.93 -2.37 -5.04
CA LEU B 69 -0.12 -3.02 -4.25
C LEU B 69 0.04 -4.54 -4.28
N PHE B 70 0.38 -5.11 -5.42
CA PHE B 70 0.60 -6.55 -5.44
C PHE B 70 1.84 -6.92 -4.64
N ALA B 71 2.87 -6.07 -4.66
CA ALA B 71 4.05 -6.37 -3.86
C ALA B 71 3.72 -6.25 -2.37
N LEU B 72 2.97 -5.21 -1.99
CA LEU B 72 2.54 -5.09 -0.60
C LEU B 72 1.66 -6.25 -0.17
N ASP B 73 0.86 -6.79 -1.09
CA ASP B 73 0.11 -7.98 -0.74
C ASP B 73 1.05 -9.11 -0.35
N ARG B 74 2.05 -9.39 -1.20
CA ARG B 74 3.00 -10.45 -0.89
C ARG B 74 3.76 -10.16 0.39
N ALA B 75 4.20 -8.91 0.57
CA ALA B 75 4.91 -8.56 1.80
C ALA B 75 4.07 -8.89 3.02
N GLY B 76 2.76 -8.71 2.92
CA GLY B 76 1.90 -9.07 4.02
C GLY B 76 1.90 -10.55 4.29
N ALA B 77 2.38 -11.34 3.32
CA ALA B 77 2.32 -12.79 3.39
C ALA B 77 3.69 -13.43 3.57
N VAL B 78 4.74 -12.64 3.79
CA VAL B 78 6.08 -13.20 3.74
C VAL B 78 6.26 -14.24 4.84
N HIS B 79 5.72 -13.98 6.02
CA HIS B 79 5.81 -14.92 7.13
C HIS B 79 4.90 -16.11 6.92
N THR B 80 3.68 -15.87 6.44
CA THR B 80 2.82 -16.97 6.06
C THR B 80 3.55 -17.93 5.13
N ILE B 81 4.18 -17.38 4.07
CA ILE B 81 4.90 -18.20 3.11
C ILE B 81 6.01 -18.99 3.79
N GLN B 82 6.80 -18.32 4.63
CA GLN B 82 7.89 -19.01 5.31
C GLN B 82 7.36 -20.06 6.24
N GLY B 83 6.22 -19.80 6.89
CA GLY B 83 5.65 -20.78 7.78
C GLY B 83 5.27 -22.05 7.04
N LEU B 84 4.62 -21.90 5.88
CA LEU B 84 4.22 -23.06 5.08
C LEU B 84 5.45 -23.86 4.65
N CYS B 85 6.50 -23.15 4.22
CA CYS B 85 7.69 -23.86 3.75
C CYS B 85 8.30 -24.69 4.86
N ARG B 86 8.34 -24.15 6.09
CA ARG B 86 8.84 -24.91 7.22
C ARG B 86 7.90 -26.04 7.59
N GLY B 87 6.59 -25.86 7.38
CA GLY B 87 5.62 -26.86 7.79
C GLY B 87 5.30 -27.96 6.80
N TYR B 88 5.52 -27.73 5.51
CA TYR B 88 5.13 -28.66 4.47
C TYR B 88 6.32 -29.00 3.59
N ASP B 89 6.28 -30.21 3.01
CA ASP B 89 7.34 -30.65 2.11
C ASP B 89 7.42 -29.77 0.87
N VAL B 90 6.27 -29.37 0.33
CA VAL B 90 6.20 -28.62 -0.92
C VAL B 90 5.19 -27.50 -0.74
N VAL B 91 5.59 -26.27 -1.07
CA VAL B 91 4.67 -25.14 -1.12
C VAL B 91 4.54 -24.68 -2.56
N ILE B 92 3.31 -24.65 -3.07
CA ILE B 92 3.04 -24.26 -4.45
C ILE B 92 2.27 -22.95 -4.43
N LEU B 93 2.79 -21.92 -5.11
CA LEU B 93 2.14 -20.63 -5.21
C LEU B 93 1.54 -20.49 -6.61
N ASP B 94 0.27 -20.12 -6.66
CA ASP B 94 -0.43 -19.80 -7.90
C ASP B 94 -0.23 -18.31 -8.17
N ARG B 95 0.76 -17.98 -9.01
CA ARG B 95 1.28 -16.61 -9.21
C ARG B 95 2.16 -16.22 -8.02
N TYR B 96 3.29 -15.57 -8.32
CA TYR B 96 4.22 -15.04 -7.32
C TYR B 96 4.91 -13.84 -7.94
N VAL B 97 6.16 -13.56 -7.55
CA VAL B 97 6.78 -12.30 -7.91
C VAL B 97 6.91 -12.13 -9.42
N ALA B 98 7.24 -13.22 -10.13
CA ALA B 98 7.44 -13.06 -11.57
C ALA B 98 6.18 -12.53 -12.26
N SER B 99 4.99 -12.81 -11.74
CA SER B 99 3.79 -12.21 -12.32
C SER B 99 3.91 -10.70 -12.37
N ASN B 100 4.39 -10.09 -11.27
CA ASN B 100 4.51 -8.64 -11.25
C ASN B 100 5.49 -8.19 -12.32
N ALA B 101 6.60 -8.91 -12.49
CA ALA B 101 7.56 -8.53 -13.52
C ALA B 101 6.96 -8.65 -14.91
N ALA B 102 6.22 -9.72 -15.16
CA ALA B 102 5.71 -9.97 -16.51
C ALA B 102 4.63 -8.98 -16.91
N TYR B 103 3.61 -8.80 -16.06
CA TYR B 103 2.54 -7.87 -16.43
C TYR B 103 3.04 -6.44 -16.47
N SER B 104 3.94 -6.08 -15.54
CA SER B 104 4.43 -4.71 -15.46
C SER B 104 5.28 -4.36 -16.67
N ALA B 105 6.27 -5.20 -16.97
CA ALA B 105 7.07 -4.94 -18.17
C ALA B 105 6.18 -4.92 -19.41
N ALA B 106 5.27 -5.90 -19.52
CA ALA B 106 4.42 -5.94 -20.71
C ALA B 106 3.58 -4.67 -20.82
N ARG B 107 3.00 -4.20 -19.71
CA ARG B 107 2.24 -2.97 -19.75
C ARG B 107 3.12 -1.77 -20.15
N LEU B 108 4.42 -1.82 -19.87
CA LEU B 108 5.34 -0.76 -20.26
C LEU B 108 5.98 -1.02 -21.61
N HIS B 109 5.59 -2.09 -22.30
CA HIS B 109 6.23 -2.46 -23.56
C HIS B 109 7.73 -2.60 -23.40
N GLU B 110 8.15 -3.11 -22.25
CA GLU B 110 9.55 -3.40 -21.96
C GLU B 110 9.81 -4.89 -22.07
N ASN B 111 11.08 -5.28 -22.02
CA ASN B 111 11.43 -6.68 -21.95
C ASN B 111 11.97 -7.01 -20.57
N ALA B 112 12.33 -8.29 -20.40
CA ALA B 112 12.72 -8.81 -19.10
C ALA B 112 14.01 -8.20 -18.58
N ALA B 113 14.81 -7.59 -19.43
CA ALA B 113 16.01 -6.93 -18.96
C ALA B 113 15.79 -5.44 -18.72
N GLY B 114 14.54 -4.97 -18.82
CA GLY B 114 14.22 -3.57 -18.69
C GLY B 114 14.04 -3.15 -17.24
N LYS B 115 13.57 -1.92 -17.07
CA LYS B 115 13.58 -1.30 -15.74
C LYS B 115 12.58 -1.98 -14.81
N ALA B 116 11.33 -2.14 -15.26
CA ALA B 116 10.31 -2.74 -14.40
C ALA B 116 10.73 -4.07 -13.82
N ALA B 117 11.26 -4.95 -14.66
CA ALA B 117 11.62 -6.28 -14.17
C ALA B 117 12.71 -6.19 -13.12
N ALA B 118 13.70 -5.34 -13.36
CA ALA B 118 14.76 -5.14 -12.38
C ALA B 118 14.22 -4.48 -11.12
N TRP B 119 13.24 -3.58 -11.27
CA TRP B 119 12.60 -2.96 -10.11
C TRP B 119 11.83 -3.99 -9.29
N VAL B 120 11.03 -4.83 -9.93
CA VAL B 120 10.31 -5.85 -9.17
C VAL B 120 11.29 -6.71 -8.39
N GLN B 121 12.32 -7.19 -9.08
CA GLN B 121 13.28 -8.05 -8.41
C GLN B 121 13.87 -7.35 -7.20
N ARG B 122 14.20 -6.07 -7.37
CA ARG B 122 14.85 -5.31 -6.29
C ARG B 122 13.90 -5.09 -5.11
N ILE B 123 12.70 -4.58 -5.36
CA ILE B 123 11.84 -4.23 -4.22
C ILE B 123 11.26 -5.49 -3.57
N GLU B 124 10.93 -6.51 -4.36
CA GLU B 124 10.26 -7.67 -3.77
C GLU B 124 11.24 -8.65 -3.14
N PHE B 125 12.33 -8.98 -3.82
CA PHE B 125 13.26 -9.99 -3.28
C PHE B 125 14.23 -9.37 -2.28
N ALA B 126 14.91 -8.28 -2.66
CA ALA B 126 15.95 -7.69 -1.81
C ALA B 126 15.36 -6.86 -0.67
N ARG B 127 14.45 -5.93 -0.98
CA ARG B 127 13.97 -5.00 0.03
C ARG B 127 12.90 -5.62 0.93
N LEU B 128 11.79 -6.06 0.35
CA LEU B 128 10.74 -6.66 1.15
C LEU B 128 11.10 -8.05 1.67
N GLY B 129 12.19 -8.65 1.19
CA GLY B 129 12.64 -9.91 1.72
C GLY B 129 11.86 -11.14 1.31
N LEU B 130 11.14 -11.11 0.19
CA LEU B 130 10.36 -12.28 -0.17
C LEU B 130 11.30 -13.44 -0.52
N PRO B 131 10.97 -14.67 -0.13
CA PRO B 131 11.87 -15.79 -0.43
C PRO B 131 11.84 -16.09 -1.91
N LYS B 132 13.02 -16.33 -2.47
CA LYS B 132 13.13 -16.68 -3.88
C LYS B 132 12.60 -18.10 -4.07
N PRO B 133 11.74 -18.33 -5.05
CA PRO B 133 11.22 -19.68 -5.28
C PRO B 133 12.31 -20.63 -5.75
N ASP B 134 12.21 -21.90 -5.33
CA ASP B 134 13.16 -22.89 -5.85
C ASP B 134 12.89 -23.17 -7.33
N TRP B 135 11.61 -23.16 -7.73
CA TRP B 135 11.22 -23.37 -9.10
C TRP B 135 10.18 -22.35 -9.49
N GLN B 136 10.26 -21.89 -10.73
CA GLN B 136 9.17 -21.14 -11.34
C GLN B 136 8.77 -21.88 -12.60
N VAL B 137 7.52 -22.33 -12.64
CA VAL B 137 6.99 -23.15 -13.73
C VAL B 137 6.09 -22.26 -14.58
N LEU B 138 6.54 -22.00 -15.80
CA LEU B 138 5.76 -21.21 -16.76
C LEU B 138 4.84 -22.14 -17.56
N LEU B 139 3.54 -21.94 -17.43
CA LEU B 139 2.56 -22.63 -18.26
C LEU B 139 2.34 -21.79 -19.51
N ALA B 140 3.04 -22.14 -20.59
CA ALA B 140 2.97 -21.39 -21.83
C ALA B 140 1.97 -22.09 -22.75
N VAL B 141 0.93 -21.39 -23.17
CA VAL B 141 -0.14 -22.09 -23.88
C VAL B 141 -0.47 -21.46 -25.22
N SER B 142 -1.16 -22.25 -26.05
CA SER B 142 -1.71 -21.85 -27.32
C SER B 142 -3.00 -21.05 -27.12
C ARG B 167 -7.21 -7.52 -21.71
N ASP B 168 -7.14 -6.43 -22.48
CA ASP B 168 -6.92 -6.52 -23.93
C ASP B 168 -5.96 -7.65 -24.33
N ALA B 169 -6.28 -8.28 -25.45
CA ALA B 169 -5.52 -9.43 -25.93
C ALA B 169 -4.07 -9.07 -26.21
N GLU B 170 -3.82 -7.85 -26.69
CA GLU B 170 -2.44 -7.46 -26.98
C GLU B 170 -1.59 -7.47 -25.71
N LEU B 171 -2.13 -6.97 -24.60
CA LEU B 171 -1.40 -7.05 -23.33
C LEU B 171 -1.07 -8.50 -22.99
N GLN B 172 -2.09 -9.37 -23.05
CA GLN B 172 -1.88 -10.77 -22.68
C GLN B 172 -0.82 -11.42 -23.57
N GLN B 173 -0.81 -11.08 -24.86
CA GLN B 173 0.19 -11.64 -25.76
C GLN B 173 1.60 -11.21 -25.38
N ARG B 174 1.82 -9.92 -25.13
CA ARG B 174 3.16 -9.47 -24.74
C ARG B 174 3.58 -10.05 -23.39
N THR B 175 2.63 -10.22 -22.47
CA THR B 175 2.95 -10.78 -21.16
C THR B 175 3.48 -12.21 -21.30
N GLY B 176 2.87 -13.01 -22.16
CA GLY B 176 3.34 -14.37 -22.35
C GLY B 176 4.74 -14.42 -22.92
N ALA B 177 5.07 -13.49 -23.81
CA ALA B 177 6.43 -13.40 -24.33
C ALA B 177 7.39 -12.91 -23.26
N VAL B 178 7.00 -11.92 -22.47
CA VAL B 178 7.89 -11.47 -21.40
C VAL B 178 8.17 -12.61 -20.43
N TYR B 179 7.11 -13.32 -20.06
CA TYR B 179 7.24 -14.53 -19.25
C TYR B 179 8.29 -15.47 -19.80
N ALA B 180 8.24 -15.74 -21.11
CA ALA B 180 9.23 -16.64 -21.70
C ALA B 180 10.63 -16.03 -21.63
N GLU B 181 10.74 -14.72 -21.84
CA GLU B 181 12.04 -14.10 -21.65
C GLU B 181 12.50 -14.26 -20.21
N LEU B 182 11.60 -14.08 -19.24
CA LEU B 182 12.00 -14.25 -17.85
C LEU B 182 12.53 -15.66 -17.61
N ALA B 183 11.85 -16.67 -18.16
CA ALA B 183 12.34 -18.04 -17.99
C ALA B 183 13.68 -18.22 -18.69
N ALA B 184 13.84 -17.61 -19.87
CA ALA B 184 15.08 -17.81 -20.62
C ALA B 184 16.28 -17.23 -19.88
N GLN B 185 16.08 -16.18 -19.09
CA GLN B 185 17.15 -15.53 -18.36
C GLN B 185 17.34 -16.07 -16.95
N GLY B 186 16.54 -17.03 -16.53
CA GLY B 186 16.62 -17.56 -15.18
C GLY B 186 16.28 -16.54 -14.12
N TRP B 187 15.33 -15.66 -14.42
CA TRP B 187 14.98 -14.58 -13.52
C TRP B 187 14.55 -15.12 -12.15
N GLY B 188 15.27 -14.73 -11.10
CA GLY B 188 14.92 -15.10 -9.74
C GLY B 188 15.16 -16.54 -9.35
N GLY B 189 15.68 -17.39 -10.24
CA GLY B 189 15.94 -18.78 -9.94
C GLY B 189 15.66 -19.66 -11.14
N ARG B 190 15.67 -20.98 -10.92
CA ARG B 190 15.43 -21.96 -11.98
C ARG B 190 13.99 -21.92 -12.47
N TRP B 191 13.81 -22.14 -13.77
CA TRP B 191 12.51 -22.24 -14.40
C TRP B 191 12.33 -23.59 -15.11
N LEU B 192 11.07 -23.96 -15.26
CA LEU B 192 10.62 -24.95 -16.24
C LEU B 192 9.50 -24.31 -17.05
N VAL B 193 9.49 -24.58 -18.36
CA VAL B 193 8.42 -24.11 -19.24
C VAL B 193 7.63 -25.34 -19.67
N VAL B 194 6.32 -25.36 -19.37
CA VAL B 194 5.48 -26.52 -19.70
C VAL B 194 4.30 -26.06 -20.54
N GLY B 195 3.74 -27.01 -21.29
CA GLY B 195 2.51 -26.81 -22.02
C GLY B 195 1.28 -27.43 -21.36
N ALA B 196 0.13 -27.23 -22.00
CA ALA B 196 -1.16 -27.65 -21.46
C ALA B 196 -1.17 -29.14 -21.12
N ASP B 197 -0.62 -29.99 -21.98
CA ASP B 197 -0.72 -31.43 -21.68
C ASP B 197 0.47 -31.95 -20.88
N VAL B 198 1.06 -31.19 -19.96
CA VAL B 198 2.20 -31.74 -19.25
C VAL B 198 1.74 -32.87 -18.34
N ASP B 199 2.56 -33.90 -18.21
CA ASP B 199 2.29 -35.02 -17.31
C ASP B 199 2.57 -34.57 -15.87
N PRO B 200 1.54 -34.46 -15.04
CA PRO B 200 1.75 -33.93 -13.68
C PRO B 200 2.65 -34.82 -12.82
N GLY B 201 2.54 -36.14 -12.96
CA GLY B 201 3.40 -37.02 -12.19
C GLY B 201 4.85 -36.95 -12.62
N ARG B 202 5.10 -36.83 -13.92
CA ARG B 202 6.47 -36.64 -14.37
C ARG B 202 6.99 -35.25 -13.98
N LEU B 203 6.13 -34.23 -14.00
CA LEU B 203 6.60 -32.91 -13.59
C LEU B 203 6.95 -32.90 -12.10
N ALA B 204 6.13 -33.54 -11.25
CA ALA B 204 6.47 -33.66 -9.84
C ALA B 204 7.80 -34.37 -9.65
N ALA B 205 8.04 -35.44 -10.41
CA ALA B 205 9.30 -36.15 -10.29
C ALA B 205 10.47 -35.26 -10.69
N THR B 206 10.28 -34.43 -11.71
CA THR B 206 11.36 -33.53 -12.12
C THR B 206 11.63 -32.49 -11.05
N LEU B 207 10.58 -31.95 -10.45
CA LEU B 207 10.74 -30.89 -9.46
C LEU B 207 11.36 -31.45 -8.17
N ALA B 208 10.90 -32.63 -7.72
CA ALA B 208 11.34 -33.36 -6.53
C ALA B 208 12.83 -33.28 -6.27
N PRO B 209 13.25 -33.07 -5.00
CA PRO B 209 14.65 -32.95 -4.56
C PRO B 209 15.35 -34.30 -4.41
O2 ZUI C . -2.22 10.98 4.77
C21 ZUI C . -1.37 11.75 4.32
C1 ZUI C . -0.26 12.30 5.07
C ZUI C . -0.07 11.89 6.50
N3 ZUI C . -1.48 12.18 3.01
C20 ZUI C . -0.65 13.06 2.37
O1 ZUI C . -0.80 13.36 1.20
N ZUI C . 0.38 13.56 3.14
C2 ZUI C . 0.56 13.17 4.45
C3 ZUI C . 1.33 14.49 2.49
C19 ZUI C . 1.94 15.50 3.47
C18 ZUI C . 2.91 16.42 2.73
N1 ZUI C . 3.96 15.66 2.03
C5 ZUI C . 3.35 14.75 1.06
C4 ZUI C . 2.43 13.75 1.75
C6 ZUI C . 5.02 16.51 1.44
C7 ZUI C . 4.56 17.44 0.34
C17 ZUI C . 4.50 17.03 -0.99
C10 ZUI C . 4.06 17.91 -1.97
C9 ZUI C . 3.70 19.19 -1.58
N2 ZUI C . 3.77 19.62 -0.32
C8 ZUI C . 4.19 18.75 0.61
O ZUI C . 3.97 17.53 -3.31
C11 ZUI C . 3.40 16.30 -3.66
C16 ZUI C . 2.45 15.70 -2.83
C15 ZUI C . 1.99 14.45 -3.17
CL ZUI C . 0.86 13.67 -2.12
C14 ZUI C . 2.41 13.80 -4.30
C13 ZUI C . 3.33 14.43 -5.13
C12 ZUI C . 3.82 15.68 -4.82
H3 ZUI C . -0.97 12.04 7.10
H1 ZUI C . 0.74 12.44 6.98
H2 ZUI C . 0.17 10.83 6.56
H ZUI C . -2.24 11.81 2.46
H4 ZUI C . 1.39 13.62 4.98
H5 ZUI C . 0.76 15.06 1.75
H22 ZUI C . 2.41 15.02 4.33
H21 ZUI C . 1.14 16.08 3.91
H20 ZUI C . 3.33 17.21 3.36
H19 ZUI C . 2.36 17.00 1.97
H8 ZUI C . 2.83 15.31 0.29
H9 ZUI C . 4.14 14.23 0.50
H6 ZUI C . 2.02 13.03 1.04
H7 ZUI C . 3.00 13.14 2.45
H10 ZUI C . 5.73 15.81 1.04
H11 ZUI C . 5.58 17.07 2.19
H18 ZUI C . 4.81 16.02 -1.25
H13 ZUI C . 3.35 19.92 -2.31
H12 ZUI C . 4.22 19.15 1.62
H17 ZUI C . 2.08 16.21 -1.93
H16 ZUI C . 2.03 12.81 -4.54
H15 ZUI C . 3.66 13.92 -6.04
H14 ZUI C . 4.55 16.17 -5.46
CL CL D . 4.42 22.02 9.50
CL CL E . 2.44 13.19 30.10
CL CL F . -1.45 35.50 0.70
O2 ZUI G . 2.08 -9.74 -8.69
C21 ZUI G . 1.16 -9.73 -9.48
C1 ZUI G . 0.05 -10.68 -9.49
C ZUI G . 0.00 -11.72 -8.42
N3 ZUI G . 1.13 -8.80 -10.50
C20 ZUI G . 0.21 -8.69 -11.51
O1 ZUI G . 0.29 -7.83 -12.38
N ZUI G . -0.80 -9.62 -11.46
C2 ZUI G . -0.86 -10.57 -10.47
C3 ZUI G . -1.86 -9.54 -12.50
C19 ZUI G . -3.01 -8.67 -12.04
C18 ZUI G . -4.09 -8.62 -13.11
N1 ZUI G . -4.59 -9.96 -13.40
C5 ZUI G . -3.48 -10.77 -13.95
C4 ZUI G . -2.35 -10.92 -12.93
C6 ZUI G . -5.75 -9.94 -14.30
C7 ZUI G . -5.46 -9.37 -15.66
C17 ZUI G . -5.47 -8.00 -15.89
C10 ZUI G . -5.10 -7.50 -17.13
C9 ZUI G . -4.77 -8.40 -18.12
N2 ZUI G . -4.78 -9.72 -17.94
C8 ZUI G . -5.12 -10.17 -16.73
O ZUI G . -5.05 -6.12 -17.34
C11 ZUI G . -4.57 -5.27 -16.34
C16 ZUI G . -3.42 -5.60 -15.63
C15 ZUI G . -2.98 -4.72 -14.66
CL ZUI G . -1.53 -5.11 -13.78
C14 ZUI G . -3.65 -3.55 -14.39
C13 ZUI G . -4.79 -3.24 -15.10
C12 ZUI G . -5.26 -4.10 -16.09
H3 ZUI G . -1.02 -11.97 -8.14
H1 ZUI G . 0.53 -11.41 -7.52
H2 ZUI G . 0.46 -12.65 -8.78
H ZUI G . 1.88 -8.12 -10.52
H4 ZUI G . -1.70 -11.26 -10.51
H5 ZUI G . -1.41 -9.07 -13.38
H22 ZUI G . -2.70 -7.66 -11.75
H21 ZUI G . -3.44 -9.09 -11.13
H20 ZUI G . -3.79 -8.10 -14.02
H19 ZUI G . -4.94 -8.03 -12.76
H8 ZUI G . -3.12 -10.33 -14.87
H9 ZUI G . -3.86 -11.75 -14.26
H6 ZUI G . -1.56 -11.54 -13.32
H7 ZUI G . -2.72 -11.46 -12.06
H10 ZUI G . -6.48 -9.31 -13.79
H11 ZUI G . -6.25 -10.91 -14.39
H18 ZUI G . -5.77 -7.32 -15.09
H13 ZUI G . -4.47 -8.06 -19.11
H12 ZUI G . -5.12 -11.26 -16.64
H17 ZUI G . -2.87 -6.52 -15.83
H16 ZUI G . -3.28 -2.88 -13.61
H15 ZUI G . -5.33 -2.32 -14.90
H14 ZUI G . -6.16 -3.86 -16.65
CL CL H . -4.99 -19.40 -15.32
#